data_5LKZ
#
_entry.id   5LKZ
#
_cell.length_a   93.600
_cell.length_b   155.910
_cell.length_c   110.090
_cell.angle_alpha   90.00
_cell.angle_beta   90.00
_cell.angle_gamma   90.00
#
_symmetry.space_group_name_H-M   'C 2 2 21'
#
loop_
_entity.id
_entity.type
_entity.pdbx_description
1 polymer 'Histone acetyltransferase p300,Histone acetyltransferase p300'
2 non-polymer 'ZINC ION'
3 non-polymer 'CROTONYL COENZYME A'
4 non-polymer GLYCEROL
5 water water
#
_entity_poly.entity_id   1
_entity_poly.type   'polypeptide(L)'
_entity_poly.pdbx_seq_one_letter_code
;GAMAGKAVPMQSKKKIFKPEELRQALMPTLEALYRQDPESLPFRQPVDPQLLGIPDYFDIVKSPMDLSTIKRKLDTGQYQ
EPWQYVDDIWLMFNNAWLYNRKTSRVYKYCSKLSEVFEQEIDPVMQSLGYCCGRKLEFSPQTLCCYGKQLCTIPRDATYY
SYQNRYHFCEKCFNEIQGESVSLGDDPSQPQTTINKEQFSKRKNDTLDPELFVECTECGRKMHQICVLHHEIIWPAGFVC
DGCLKKSARTRKENKFSAKRLPSTRLGTFLENRVNDFLRRQNHPESGEVTVRVVHASDKTVEVKPGMKARFVDSGEMAES
FPYRTKALFAFEEIDGVDLCFFGMHVQEYGSDCPPPNQRRVYISYLDSVHFFRPKCLRTAVYHEILIGYLEYVKKLGYTT
GHIWACPPSEGDDYIFHCHPPDQKIPKPKRLQEWFKKMLDKAVSERIVHDYKDIFKQATEDRLTSAKELPYFEGDFWPNV
LEESIKESGGSGSQKLYATMEKHKEVFFVIRLIAGPAANSLPPIVDPDPLIPCDLMDGRDAFLTLARDKHLEFSSLRRAQ
WSTMCMLVELHTQSQDRF
;
_entity_poly.pdbx_strand_id   A
#
loop_
_chem_comp.id
_chem_comp.type
_chem_comp.name
_chem_comp.formula
COO non-polymer 'CROTONYL COENZYME A' 'C25 H40 N7 O17 P3 S'
GOL non-polymer GLYCEROL 'C3 H8 O3'
ZN non-polymer 'ZINC ION' 'Zn 2'
#
# COMPACT_ATOMS: atom_id res chain seq x y z
N LYS A 14 36.18 -7.14 9.63
CA LYS A 14 36.76 -8.38 10.25
C LYS A 14 36.85 -9.53 9.25
N LYS A 15 35.69 -10.03 8.79
CA LYS A 15 35.74 -11.12 7.79
C LYS A 15 36.37 -10.65 6.46
N ILE A 16 37.62 -11.05 6.19
CA ILE A 16 38.22 -10.77 4.88
C ILE A 16 38.19 -12.08 4.08
N PHE A 17 37.61 -12.01 2.88
CA PHE A 17 37.46 -13.14 1.99
C PHE A 17 38.74 -13.33 1.17
N LYS A 18 39.39 -14.45 1.43
CA LYS A 18 40.65 -14.81 0.77
C LYS A 18 40.33 -15.04 -0.70
N PRO A 19 41.13 -14.47 -1.64
CA PRO A 19 40.77 -14.56 -3.06
C PRO A 19 40.48 -15.95 -3.61
N GLU A 20 41.12 -16.99 -3.04
CA GLU A 20 40.85 -18.36 -3.43
C GLU A 20 39.47 -18.81 -2.91
N GLU A 21 39.15 -18.36 -1.69
CA GLU A 21 37.82 -18.61 -1.11
C GLU A 21 36.70 -18.09 -2.03
N LEU A 22 36.87 -16.87 -2.54
CA LEU A 22 35.90 -16.27 -3.48
C LEU A 22 35.87 -16.99 -4.82
N ARG A 23 37.04 -17.29 -5.35
CA ARG A 23 37.16 -17.99 -6.62
C ARG A 23 36.45 -19.35 -6.52
N GLN A 24 36.80 -20.12 -5.50
CA GLN A 24 36.22 -21.44 -5.29
C GLN A 24 34.69 -21.38 -5.19
N ALA A 25 34.19 -20.40 -4.45
CA ALA A 25 32.76 -20.23 -4.20
C ALA A 25 32.00 -19.70 -5.42
N LEU A 26 32.58 -18.73 -6.11
CA LEU A 26 31.86 -18.00 -7.16
C LEU A 26 32.06 -18.50 -8.58
N MET A 27 33.21 -19.14 -8.85
CA MET A 27 33.50 -19.62 -10.20
C MET A 27 32.46 -20.59 -10.76
N PRO A 28 31.93 -21.50 -9.91
CA PRO A 28 30.84 -22.32 -10.43
C PRO A 28 29.64 -21.52 -10.96
N THR A 29 29.35 -20.37 -10.34
CA THR A 29 28.24 -19.50 -10.80
C THR A 29 28.58 -18.87 -12.15
N LEU A 30 29.85 -18.54 -12.36
CA LEU A 30 30.30 -18.00 -13.65
C LEU A 30 30.31 -19.08 -14.74
N GLU A 31 30.81 -20.27 -14.41
CA GLU A 31 30.75 -21.41 -15.36
C GLU A 31 29.33 -21.69 -15.82
N ALA A 32 28.37 -21.56 -14.90
CA ALA A 32 26.97 -21.80 -15.22
C ALA A 32 26.49 -20.91 -16.35
N LEU A 33 26.98 -19.68 -16.40
CA LEU A 33 26.68 -18.75 -17.50
C LEU A 33 27.42 -19.12 -18.78
N TYR A 34 28.71 -19.37 -18.66
CA TYR A 34 29.57 -19.82 -19.79
C TYR A 34 28.94 -20.97 -20.57
N ARG A 35 28.50 -22.00 -19.86
CA ARG A 35 27.97 -23.21 -20.48
C ARG A 35 26.58 -23.07 -21.12
N GLN A 36 26.07 -21.84 -21.22
CA GLN A 36 24.84 -21.56 -21.96
C GLN A 36 25.20 -21.21 -23.40
N ASP A 37 24.95 -22.16 -24.31
CA ASP A 37 25.20 -21.97 -25.74
C ASP A 37 23.86 -21.93 -26.46
N PRO A 38 23.63 -20.96 -27.35
CA PRO A 38 24.56 -19.91 -27.75
C PRO A 38 24.48 -18.61 -26.90
N GLU A 39 23.59 -18.58 -25.90
CA GLU A 39 23.27 -17.34 -25.14
C GLU A 39 24.50 -16.63 -24.58
N SER A 40 25.46 -17.42 -24.09
CA SER A 40 26.69 -16.91 -23.51
C SER A 40 27.62 -16.20 -24.51
N LEU A 41 27.60 -16.63 -25.77
CA LEU A 41 28.61 -16.20 -26.76
C LEU A 41 28.75 -14.69 -26.90
N PRO A 42 27.63 -13.94 -27.09
CA PRO A 42 27.69 -12.49 -27.15
C PRO A 42 28.31 -11.78 -25.92
N PHE A 43 28.46 -12.48 -24.79
CA PHE A 43 28.95 -11.88 -23.54
C PHE A 43 30.34 -12.34 -23.11
N ARG A 44 31.01 -13.15 -23.93
CA ARG A 44 32.27 -13.78 -23.53
C ARG A 44 33.51 -12.91 -23.71
N GLN A 45 33.41 -11.91 -24.58
CA GLN A 45 34.56 -11.05 -24.91
C GLN A 45 34.13 -9.59 -24.90
N PRO A 46 35.05 -8.65 -24.55
CA PRO A 46 34.70 -7.23 -24.56
C PRO A 46 34.12 -6.78 -25.90
N VAL A 47 33.04 -6.02 -25.85
CA VAL A 47 32.36 -5.54 -27.08
C VAL A 47 33.35 -4.66 -27.86
N ASP A 48 33.67 -5.07 -29.09
CA ASP A 48 34.42 -4.24 -30.04
C ASP A 48 33.40 -3.57 -30.95
N PRO A 49 33.12 -2.27 -30.72
CA PRO A 49 32.07 -1.62 -31.50
C PRO A 49 32.37 -1.50 -33.00
N GLN A 50 33.63 -1.29 -33.35
CA GLN A 50 34.05 -1.14 -34.75
C GLN A 50 33.90 -2.46 -35.51
N LEU A 51 34.49 -3.52 -34.98
CA LEU A 51 34.42 -4.86 -35.56
C LEU A 51 32.99 -5.40 -35.72
N LEU A 52 32.16 -5.26 -34.69
CA LEU A 52 30.75 -5.67 -34.80
C LEU A 52 29.97 -4.75 -35.76
N GLY A 53 30.47 -3.53 -35.96
CA GLY A 53 29.74 -2.49 -36.71
C GLY A 53 28.63 -1.80 -35.93
N ILE A 54 28.87 -1.50 -34.65
CA ILE A 54 27.95 -0.72 -33.81
C ILE A 54 28.67 0.55 -33.32
N PRO A 55 28.42 1.70 -33.97
CA PRO A 55 29.25 2.91 -33.72
C PRO A 55 28.98 3.64 -32.39
N ASP A 56 27.71 3.85 -32.08
CA ASP A 56 27.32 4.67 -30.91
C ASP A 56 27.37 3.92 -29.56
N TYR A 57 27.99 2.74 -29.51
CA TYR A 57 27.96 1.89 -28.31
C TYR A 57 28.51 2.62 -27.10
N PHE A 58 29.68 3.23 -27.26
CA PHE A 58 30.32 3.97 -26.16
C PHE A 58 29.71 5.34 -25.87
N ASP A 59 28.77 5.82 -26.69
CA ASP A 59 27.94 6.97 -26.34
C ASP A 59 26.87 6.61 -25.30
N ILE A 60 26.46 5.34 -25.31
CA ILE A 60 25.41 4.81 -24.42
C ILE A 60 26.01 4.06 -23.22
N VAL A 61 26.92 3.13 -23.51
CA VAL A 61 27.54 2.29 -22.49
C VAL A 61 28.86 2.92 -22.09
N LYS A 62 28.89 3.44 -20.87
CA LYS A 62 30.05 4.11 -20.33
C LYS A 62 30.93 3.21 -19.46
N SER A 63 30.40 2.08 -19.00
CA SER A 63 31.14 1.13 -18.16
C SER A 63 30.98 -0.28 -18.72
N PRO A 64 31.73 -0.61 -19.80
CA PRO A 64 31.60 -1.93 -20.42
C PRO A 64 32.02 -3.03 -19.46
N MET A 65 31.38 -4.20 -19.59
CA MET A 65 31.74 -5.35 -18.77
C MET A 65 31.32 -6.63 -19.49
N ASP A 66 32.09 -7.68 -19.27
CA ASP A 66 31.84 -8.97 -19.92
C ASP A 66 32.42 -10.10 -19.08
N LEU A 67 32.11 -11.33 -19.48
CA LEU A 67 32.49 -12.53 -18.73
C LEU A 67 34.00 -12.68 -18.55
N SER A 68 34.76 -12.37 -19.61
CA SER A 68 36.23 -12.51 -19.56
C SER A 68 36.83 -11.56 -18.53
N THR A 69 36.37 -10.31 -18.55
CA THR A 69 36.82 -9.30 -17.59
C THR A 69 36.52 -9.75 -16.15
N ILE A 70 35.34 -10.34 -15.96
CA ILE A 70 34.92 -10.84 -14.65
C ILE A 70 35.76 -12.06 -14.24
N LYS A 71 35.87 -13.04 -15.15
CA LYS A 71 36.76 -14.18 -14.93
C LYS A 71 38.18 -13.75 -14.52
N ARG A 72 38.72 -12.75 -15.21
CA ARG A 72 40.06 -12.25 -14.92
C ARG A 72 40.18 -11.62 -13.54
N LYS A 73 39.23 -10.76 -13.19
CA LYS A 73 39.21 -10.12 -11.86
C LYS A 73 39.12 -11.15 -10.74
N LEU A 74 38.37 -12.22 -11.03
CA LEU A 74 38.17 -13.33 -10.10
C LEU A 74 39.43 -14.19 -9.95
N ASP A 75 40.02 -14.58 -11.08
CA ASP A 75 41.30 -15.31 -11.10
C ASP A 75 42.45 -14.57 -10.41
N THR A 76 42.47 -13.23 -10.54
CA THR A 76 43.56 -12.41 -10.01
C THR A 76 43.25 -11.68 -8.69
N GLY A 77 42.21 -12.13 -7.98
CA GLY A 77 41.89 -11.62 -6.64
C GLY A 77 41.56 -10.14 -6.54
N GLN A 78 40.90 -9.60 -7.56
CA GLN A 78 40.49 -8.18 -7.56
C GLN A 78 39.22 -7.86 -6.75
N TYR A 79 38.48 -8.89 -6.34
CA TYR A 79 37.28 -8.72 -5.53
C TYR A 79 37.55 -9.01 -4.07
N GLN A 80 37.24 -8.06 -3.19
CA GLN A 80 37.41 -8.25 -1.75
C GLN A 80 36.18 -8.94 -1.15
N GLU A 81 35.02 -8.76 -1.77
CA GLU A 81 33.78 -9.35 -1.25
C GLU A 81 32.79 -9.65 -2.39
N PRO A 82 31.92 -10.66 -2.19
CA PRO A 82 31.18 -11.21 -3.33
C PRO A 82 30.17 -10.29 -3.99
N TRP A 83 29.67 -9.26 -3.30
CA TRP A 83 28.73 -8.31 -3.94
C TRP A 83 29.36 -7.54 -5.10
N GLN A 84 30.67 -7.33 -5.03
CA GLN A 84 31.39 -6.70 -6.13
C GLN A 84 31.34 -7.55 -7.40
N TYR A 85 31.41 -8.86 -7.23
CA TYR A 85 31.22 -9.81 -8.33
C TYR A 85 29.79 -9.70 -8.86
N VAL A 86 28.83 -9.76 -7.95
CA VAL A 86 27.42 -9.64 -8.33
C VAL A 86 27.13 -8.33 -9.10
N ASP A 87 27.70 -7.21 -8.64
CA ASP A 87 27.50 -5.91 -9.30
C ASP A 87 27.99 -5.88 -10.75
N ASP A 88 29.15 -6.48 -10.98
CA ASP A 88 29.70 -6.58 -12.33
C ASP A 88 28.82 -7.45 -13.23
N ILE A 89 28.36 -8.59 -12.70
CA ILE A 89 27.44 -9.44 -13.44
C ILE A 89 26.23 -8.62 -13.88
N TRP A 90 25.62 -7.92 -12.92
CA TRP A 90 24.45 -7.13 -13.23
C TRP A 90 24.74 -5.93 -14.13
N LEU A 91 25.97 -5.41 -14.06
CA LEU A 91 26.37 -4.33 -14.97
C LEU A 91 26.37 -4.82 -16.41
N MET A 92 27.04 -5.95 -16.62
CA MET A 92 26.99 -6.64 -17.92
C MET A 92 25.55 -6.80 -18.42
N PHE A 93 24.66 -7.35 -17.59
CA PHE A 93 23.30 -7.57 -18.05
C PHE A 93 22.60 -6.27 -18.42
N ASN A 94 22.69 -5.27 -17.53
CA ASN A 94 22.01 -3.99 -17.75
C ASN A 94 22.60 -3.22 -18.93
N ASN A 95 23.90 -3.38 -19.16
CA ASN A 95 24.51 -2.80 -20.36
C ASN A 95 23.86 -3.31 -21.64
N ALA A 96 23.61 -4.63 -21.69
CA ALA A 96 22.94 -5.27 -22.83
C ALA A 96 21.47 -4.91 -22.94
N TRP A 97 20.74 -4.92 -21.81
CA TRP A 97 19.34 -4.45 -21.80
C TRP A 97 19.20 -2.98 -22.15
N LEU A 98 20.23 -2.17 -21.87
CA LEU A 98 20.24 -0.76 -22.24
C LEU A 98 20.48 -0.56 -23.73
N TYR A 99 21.55 -1.15 -24.26
CA TYR A 99 21.92 -0.88 -25.65
C TYR A 99 20.98 -1.51 -26.68
N ASN A 100 20.57 -2.75 -26.43
CA ASN A 100 19.82 -3.54 -27.42
C ASN A 100 18.30 -3.36 -27.24
N ARG A 101 17.58 -3.52 -28.35
CA ARG A 101 16.13 -3.36 -28.36
C ARG A 101 15.45 -4.48 -27.60
N LYS A 102 14.31 -4.17 -26.99
CA LYS A 102 13.52 -5.15 -26.23
C LYS A 102 13.17 -6.39 -27.07
N THR A 103 13.05 -6.20 -28.39
CA THR A 103 12.70 -7.28 -29.31
C THR A 103 13.90 -8.03 -29.90
N SER A 104 15.12 -7.63 -29.55
CA SER A 104 16.31 -8.12 -30.21
C SER A 104 16.74 -9.51 -29.71
N ARG A 105 17.77 -10.04 -30.37
CA ARG A 105 18.33 -11.35 -30.01
C ARG A 105 19.14 -11.31 -28.72
N VAL A 106 20.04 -10.33 -28.61
CA VAL A 106 20.95 -10.24 -27.48
C VAL A 106 20.16 -9.95 -26.19
N TYR A 107 19.10 -9.17 -26.30
CA TYR A 107 18.25 -8.84 -25.17
C TYR A 107 17.64 -10.08 -24.50
N LYS A 108 17.03 -10.92 -25.31
CA LYS A 108 16.42 -12.16 -24.81
C LYS A 108 17.45 -13.15 -24.29
N TYR A 109 18.61 -13.21 -24.94
CA TYR A 109 19.74 -14.00 -24.47
C TYR A 109 20.21 -13.55 -23.09
N CYS A 110 20.30 -12.24 -22.93
CA CYS A 110 20.68 -11.62 -21.67
C CYS A 110 19.70 -12.02 -20.57
N SER A 111 18.41 -11.84 -20.85
CA SER A 111 17.34 -12.29 -19.96
C SER A 111 17.47 -13.76 -19.53
N LYS A 112 17.85 -14.63 -20.45
CA LYS A 112 18.03 -16.05 -20.11
C LYS A 112 19.19 -16.23 -19.14
N LEU A 113 20.33 -15.62 -19.45
CA LEU A 113 21.50 -15.66 -18.56
C LEU A 113 21.18 -15.17 -17.15
N SER A 114 20.40 -14.08 -17.05
CA SER A 114 20.10 -13.48 -15.75
C SER A 114 19.26 -14.40 -14.87
N GLU A 115 18.34 -15.13 -15.51
CA GLU A 115 17.55 -16.16 -14.85
C GLU A 115 18.43 -17.29 -14.33
N VAL A 116 19.37 -17.75 -15.14
CA VAL A 116 20.32 -18.77 -14.70
C VAL A 116 21.12 -18.23 -13.51
N PHE A 117 21.55 -16.98 -13.63
CA PHE A 117 22.37 -16.37 -12.59
C PHE A 117 21.61 -16.27 -11.26
N GLU A 118 20.38 -15.77 -11.31
CA GLU A 118 19.58 -15.61 -10.10
C GLU A 118 19.44 -16.92 -9.32
N GLN A 119 19.20 -18.00 -10.07
CA GLN A 119 19.05 -19.32 -9.48
C GLN A 119 20.39 -19.83 -8.90
N GLU A 120 21.48 -19.59 -9.62
CA GLU A 120 22.80 -20.01 -9.13
C GLU A 120 23.29 -19.20 -7.92
N ILE A 121 23.11 -17.89 -7.96
CA ILE A 121 23.85 -17.01 -7.04
C ILE A 121 23.31 -17.02 -5.61
N ASP A 122 22.00 -17.14 -5.48
CA ASP A 122 21.32 -17.03 -4.19
C ASP A 122 21.82 -18.04 -3.13
N PRO A 123 21.84 -19.35 -3.46
CA PRO A 123 22.35 -20.29 -2.44
C PRO A 123 23.85 -20.17 -2.17
N VAL A 124 24.63 -19.78 -3.17
CA VAL A 124 26.06 -19.53 -2.95
C VAL A 124 26.27 -18.40 -1.95
N MET A 125 25.62 -17.26 -2.19
CA MET A 125 25.75 -16.13 -1.27
C MET A 125 25.34 -16.51 0.15
N GLN A 126 24.27 -17.27 0.28
CA GLN A 126 23.87 -17.77 1.59
C GLN A 126 24.93 -18.66 2.23
N SER A 127 25.61 -19.49 1.45
CA SER A 127 26.73 -20.30 1.98
C SER A 127 27.87 -19.46 2.55
N LEU A 128 28.05 -18.28 1.97
CA LEU A 128 29.09 -17.35 2.40
C LEU A 128 28.69 -16.46 3.58
N GLY A 129 27.52 -16.74 4.17
CA GLY A 129 27.06 -16.06 5.38
C GLY A 129 26.12 -14.88 5.16
N TYR A 130 25.59 -14.73 3.94
CA TYR A 130 24.79 -13.58 3.57
C TYR A 130 23.29 -13.89 3.64
N CYS A 131 22.50 -12.85 3.89
CA CYS A 131 21.04 -12.93 3.89
C CYS A 131 20.52 -13.65 2.65
N CYS A 132 21.00 -13.24 1.49
CA CYS A 132 20.57 -13.76 0.21
C CYS A 132 21.51 -13.26 -0.86
N GLY A 133 21.37 -13.76 -2.08
CA GLY A 133 22.12 -13.25 -3.24
C GLY A 133 21.34 -12.48 -4.27
N ARG A 134 20.13 -12.05 -3.93
CA ARG A 134 19.25 -11.43 -4.91
C ARG A 134 19.60 -9.98 -5.18
N LYS A 135 19.28 -9.56 -6.39
CA LYS A 135 19.35 -8.18 -6.80
C LYS A 135 17.97 -7.59 -6.61
N LEU A 136 17.86 -6.66 -5.67
CA LEU A 136 16.56 -6.15 -5.25
C LEU A 136 16.43 -4.65 -5.49
N GLU A 137 15.33 -4.26 -6.11
CA GLU A 137 15.07 -2.88 -6.48
C GLU A 137 13.61 -2.60 -6.20
N PHE A 138 13.28 -1.36 -5.93
CA PHE A 138 11.90 -1.01 -5.60
C PHE A 138 11.08 -0.86 -6.86
N SER A 139 9.76 -1.02 -6.71
CA SER A 139 8.79 -0.85 -7.79
C SER A 139 8.82 0.58 -8.31
N PRO A 140 8.66 0.79 -9.62
CA PRO A 140 8.51 2.18 -10.12
C PRO A 140 7.17 2.78 -9.73
N GLN A 141 7.17 4.01 -9.23
CA GLN A 141 5.93 4.75 -8.93
C GLN A 141 5.13 5.06 -10.21
N THR A 142 3.81 5.06 -10.07
CA THR A 142 2.93 5.39 -11.20
C THR A 142 2.88 6.94 -11.35
N LEU A 143 3.26 7.40 -12.54
CA LEU A 143 3.28 8.83 -12.85
C LEU A 143 1.99 9.29 -13.51
N CYS A 144 1.34 10.23 -12.83
CA CYS A 144 0.25 11.08 -13.43
C CYS A 144 0.60 11.99 -14.66
N CYS A 145 -0.42 12.70 -15.18
CA CYS A 145 -0.30 13.88 -16.09
C CYS A 145 -0.86 15.14 -15.41
N TYR A 146 -0.64 16.29 -16.04
CA TYR A 146 -1.30 17.54 -15.64
C TYR A 146 -2.58 17.83 -16.46
N GLY A 147 -2.63 17.38 -17.71
CA GLY A 147 -3.82 17.59 -18.56
C GLY A 147 -3.69 17.03 -19.96
N LEU A 150 -7.38 13.58 -15.67
CA LEU A 150 -6.57 12.77 -14.78
C LEU A 150 -6.12 11.46 -15.48
N CYS A 151 -5.08 11.58 -16.31
CA CYS A 151 -4.52 10.45 -17.10
C CYS A 151 -3.31 9.83 -16.36
N THR A 152 -2.76 8.75 -16.92
CA THR A 152 -1.62 8.03 -16.33
C THR A 152 -0.53 7.66 -17.36
N ILE A 153 0.74 7.72 -16.92
CA ILE A 153 1.90 7.27 -17.71
C ILE A 153 2.36 5.92 -17.13
N PRO A 154 2.51 4.88 -17.98
CA PRO A 154 2.95 3.57 -17.50
C PRO A 154 4.46 3.40 -17.52
N ARG A 155 4.93 2.28 -16.98
CA ARG A 155 6.36 1.93 -17.00
C ARG A 155 6.90 1.79 -18.44
N ASP A 156 8.13 2.26 -18.65
CA ASP A 156 8.87 2.21 -19.93
C ASP A 156 8.34 3.09 -21.09
N ALA A 157 7.20 3.76 -20.90
CA ALA A 157 6.67 4.70 -21.88
C ALA A 157 7.45 6.00 -21.81
N THR A 158 7.88 6.51 -22.96
CA THR A 158 8.58 7.80 -23.04
C THR A 158 7.65 8.92 -22.56
N TYR A 159 8.22 9.93 -21.91
CA TYR A 159 7.45 11.06 -21.37
C TYR A 159 8.30 12.33 -21.25
N TYR A 160 7.61 13.43 -20.97
CA TYR A 160 8.22 14.76 -20.92
C TYR A 160 8.01 15.37 -19.55
N SER A 161 9.07 15.93 -18.98
CA SER A 161 9.02 16.46 -17.60
C SER A 161 9.76 17.79 -17.39
N TYR A 162 9.30 18.54 -16.39
CA TYR A 162 9.88 19.83 -16.05
C TYR A 162 10.05 19.93 -14.55
N GLN A 163 11.28 20.20 -14.13
CA GLN A 163 11.66 20.34 -12.72
C GLN A 163 11.29 19.12 -11.87
N ASN A 164 11.37 17.93 -12.48
CA ASN A 164 10.92 16.69 -11.87
C ASN A 164 9.56 16.81 -11.16
N ARG A 165 8.68 17.65 -11.72
CA ARG A 165 7.44 18.06 -11.05
C ARG A 165 6.23 17.96 -11.99
N TYR A 166 6.39 18.48 -13.20
CA TYR A 166 5.34 18.49 -14.20
C TYR A 166 5.69 17.54 -15.33
N HIS A 167 4.95 16.44 -15.42
CA HIS A 167 5.18 15.38 -16.41
C HIS A 167 3.99 15.25 -17.37
N PHE A 168 4.29 14.94 -18.63
CA PHE A 168 3.27 14.81 -19.68
C PHE A 168 3.54 13.59 -20.56
N CYS A 169 2.50 12.77 -20.73
CA CYS A 169 2.54 11.60 -21.64
C CYS A 169 2.81 12.05 -23.08
N GLU A 170 3.53 11.23 -23.82
CA GLU A 170 4.04 11.63 -25.15
C GLU A 170 2.98 12.13 -26.14
N LYS A 171 1.77 11.56 -26.10
CA LYS A 171 0.70 12.01 -27.00
C LYS A 171 0.17 13.38 -26.58
N CYS A 172 0.02 13.58 -25.26
CA CYS A 172 -0.47 14.85 -24.69
C CYS A 172 0.44 16.06 -24.99
N PHE A 173 1.72 15.80 -25.28
CA PHE A 173 2.71 16.85 -25.50
C PHE A 173 2.68 17.46 -26.91
N ASN A 174 2.44 16.64 -27.94
CA ASN A 174 2.52 17.11 -29.33
C ASN A 174 1.22 17.81 -29.80
N GLU A 175 1.04 19.05 -29.34
CA GLU A 175 -0.12 19.89 -29.70
C GLU A 175 0.01 21.35 -29.22
N GLU A 179 3.22 25.45 -29.01
CA GLU A 179 4.58 25.13 -28.55
C GLU A 179 4.98 25.92 -27.28
N SER A 180 4.06 26.00 -26.33
CA SER A 180 4.32 26.57 -25.00
C SER A 180 3.22 26.12 -24.03
N VAL A 181 3.64 25.63 -22.87
CA VAL A 181 2.74 24.96 -21.92
C VAL A 181 2.42 25.89 -20.75
N SER A 182 1.22 25.74 -20.18
CA SER A 182 0.80 26.50 -18.99
C SER A 182 0.87 25.59 -17.78
N LEU A 183 1.46 26.09 -16.69
CA LEU A 183 1.69 25.29 -15.48
C LEU A 183 1.20 26.04 -14.25
N GLY A 184 0.45 25.34 -13.39
CA GLY A 184 -0.14 25.92 -12.18
C GLY A 184 -1.60 25.53 -11.98
N GLN A 191 0.34 31.25 -13.06
CA GLN A 191 0.23 30.52 -14.31
C GLN A 191 1.27 31.00 -15.33
N THR A 192 2.47 30.40 -15.28
CA THR A 192 3.62 30.81 -16.13
C THR A 192 3.73 29.94 -17.39
N THR A 193 4.47 30.45 -18.38
CA THR A 193 4.59 29.83 -19.71
C THR A 193 5.98 29.27 -19.93
N ILE A 194 6.04 27.98 -20.27
CA ILE A 194 7.30 27.26 -20.44
C ILE A 194 7.35 26.62 -21.83
N ASN A 195 8.35 27.02 -22.61
CA ASN A 195 8.61 26.42 -23.92
C ASN A 195 8.82 24.90 -23.80
N LYS A 196 8.34 24.16 -24.80
CA LYS A 196 8.47 22.70 -24.85
C LYS A 196 9.92 22.24 -24.86
N GLU A 197 10.79 23.06 -25.44
CA GLU A 197 12.24 22.81 -25.45
C GLU A 197 12.88 22.73 -24.05
N GLN A 198 12.19 23.28 -23.04
CA GLN A 198 12.66 23.25 -21.67
C GLN A 198 12.29 21.95 -20.91
N PHE A 199 11.48 21.10 -21.53
CA PHE A 199 11.11 19.80 -20.95
C PHE A 199 12.18 18.74 -21.23
N SER A 200 12.34 17.83 -20.26
CA SER A 200 13.20 16.66 -20.43
C SER A 200 12.41 15.57 -21.12
N LYS A 201 12.99 14.94 -22.14
CA LYS A 201 12.45 13.72 -22.73
C LYS A 201 13.12 12.54 -22.05
N ARG A 202 12.33 11.64 -21.47
CA ARG A 202 12.88 10.49 -20.77
C ARG A 202 11.90 9.34 -20.65
N LYS A 203 12.44 8.16 -20.33
CA LYS A 203 11.64 6.93 -20.14
C LYS A 203 11.42 6.71 -18.66
N ASN A 204 10.24 6.22 -18.29
CA ASN A 204 9.90 5.91 -16.89
C ASN A 204 10.51 4.56 -16.45
N ASP A 205 11.83 4.44 -16.60
CA ASP A 205 12.52 3.15 -16.38
C ASP A 205 13.48 3.14 -15.16
N THR A 206 13.26 4.07 -14.23
CA THR A 206 14.20 4.28 -13.10
C THR A 206 13.74 3.47 -11.90
N LEU A 207 14.63 2.64 -11.37
CA LEU A 207 14.33 1.80 -10.23
C LEU A 207 15.42 1.92 -9.18
N ASP A 208 15.02 2.28 -7.97
CA ASP A 208 15.96 2.48 -6.87
C ASP A 208 16.33 1.14 -6.26
N PRO A 209 17.63 0.89 -6.09
CA PRO A 209 18.05 -0.34 -5.41
C PRO A 209 17.69 -0.36 -3.94
N GLU A 210 17.50 -1.56 -3.41
CA GLU A 210 17.38 -1.73 -1.97
C GLU A 210 18.70 -1.36 -1.33
N LEU A 211 18.61 -0.88 -0.11
CA LEU A 211 19.78 -0.50 0.67
C LEU A 211 20.36 -1.65 1.50
N PHE A 212 21.66 -1.55 1.73
CA PHE A 212 22.39 -2.48 2.58
C PHE A 212 22.75 -1.84 3.92
N VAL A 213 22.96 -2.68 4.93
CA VAL A 213 23.52 -2.30 6.22
C VAL A 213 24.68 -3.25 6.47
N GLU A 214 25.71 -2.76 7.15
CA GLU A 214 26.94 -3.53 7.37
C GLU A 214 26.91 -4.12 8.76
N CYS A 215 27.19 -5.42 8.89
CA CYS A 215 27.40 -6.02 10.21
C CYS A 215 28.60 -5.32 10.84
N THR A 216 28.42 -4.83 12.05
CA THR A 216 29.46 -4.09 12.77
C THR A 216 30.61 -5.00 13.25
N GLU A 217 30.36 -6.30 13.33
CA GLU A 217 31.41 -7.26 13.69
C GLU A 217 32.14 -7.82 12.48
N CYS A 218 31.47 -8.65 11.68
CA CYS A 218 32.13 -9.29 10.52
C CYS A 218 32.24 -8.41 9.29
N GLY A 219 31.53 -7.30 9.23
CA GLY A 219 31.62 -6.42 8.05
C GLY A 219 30.82 -6.82 6.81
N ARG A 220 30.10 -7.94 6.84
CA ARG A 220 29.22 -8.34 5.73
C ARG A 220 28.08 -7.32 5.52
N LYS A 221 27.86 -6.97 4.24
CA LYS A 221 26.74 -6.13 3.83
C LYS A 221 25.50 -6.99 3.62
N MET A 222 24.41 -6.65 4.30
CA MET A 222 23.13 -7.36 4.19
C MET A 222 22.01 -6.40 3.78
N HIS A 223 21.01 -6.88 3.05
CA HIS A 223 19.82 -6.07 2.76
C HIS A 223 19.16 -5.63 4.07
N GLN A 224 18.96 -4.33 4.21
CA GLN A 224 18.35 -3.78 5.40
C GLN A 224 16.98 -4.41 5.68
N ILE A 225 16.21 -4.58 4.61
CA ILE A 225 14.91 -5.21 4.67
C ILE A 225 14.97 -6.72 4.99
N CYS A 226 15.98 -7.44 4.49
CA CYS A 226 16.16 -8.87 4.86
C CYS A 226 16.36 -9.07 6.35
N VAL A 227 17.15 -8.21 6.97
CA VAL A 227 17.54 -8.39 8.37
C VAL A 227 16.70 -7.55 9.31
N LEU A 228 15.89 -6.65 8.77
CA LEU A 228 15.03 -5.77 9.56
C LEU A 228 15.80 -5.03 10.64
N HIS A 229 16.85 -4.32 10.20
CA HIS A 229 17.60 -3.46 11.12
C HIS A 229 17.12 -2.03 11.03
N HIS A 230 16.66 -1.52 12.15
CA HIS A 230 16.20 -0.14 12.23
C HIS A 230 17.04 0.55 13.28
N GLU A 231 17.63 1.67 12.90
CA GLU A 231 18.64 2.34 13.75
C GLU A 231 18.07 2.95 15.03
N ILE A 232 16.79 3.32 15.03
CA ILE A 232 16.11 3.79 16.25
C ILE A 232 15.88 2.65 17.24
N ILE A 233 15.55 1.47 16.75
CA ILE A 233 15.22 0.34 17.62
C ILE A 233 16.50 -0.27 18.21
N TRP A 234 17.54 -0.39 17.39
CA TRP A 234 18.85 -0.92 17.84
C TRP A 234 19.96 0.10 17.56
N PRO A 235 20.04 1.16 18.38
CA PRO A 235 20.97 2.26 18.09
C PRO A 235 22.46 1.90 18.20
N ALA A 236 22.78 0.86 18.97
CA ALA A 236 24.15 0.37 19.06
C ALA A 236 24.72 -0.18 17.75
N GLY A 237 23.86 -0.48 16.77
CA GLY A 237 24.31 -0.92 15.46
C GLY A 237 23.87 -2.32 15.10
N PHE A 238 23.99 -2.67 13.82
CA PHE A 238 23.56 -3.97 13.32
C PHE A 238 24.60 -5.05 13.57
N VAL A 239 24.15 -6.19 14.10
CA VAL A 239 24.96 -7.37 14.30
C VAL A 239 24.21 -8.56 13.72
N CYS A 240 24.79 -9.21 12.71
CA CYS A 240 24.10 -10.26 11.98
C CYS A 240 23.85 -11.47 12.87
N ASP A 241 22.90 -12.31 12.47
CA ASP A 241 22.53 -13.52 13.22
C ASP A 241 23.69 -14.49 13.38
N GLY A 242 24.52 -14.58 12.34
CA GLY A 242 25.75 -15.40 12.39
C GLY A 242 26.65 -15.00 13.54
N CYS A 243 26.98 -13.73 13.62
CA CYS A 243 27.80 -13.19 14.72
C CYS A 243 27.17 -13.31 16.10
N LEU A 244 25.85 -13.10 16.18
CA LEU A 244 25.11 -13.25 17.45
C LEU A 244 25.15 -14.68 17.97
N LYS A 245 24.88 -15.65 17.08
CA LYS A 245 24.86 -17.07 17.44
C LYS A 245 26.22 -17.61 17.90
N LYS A 246 27.29 -17.14 17.27
CA LYS A 246 28.66 -17.55 17.65
C LYS A 246 28.97 -17.27 19.12
N SER A 247 28.45 -16.17 19.66
CA SER A 247 28.60 -15.81 21.07
C SER A 247 27.31 -16.03 21.89
N ALA A 248 26.39 -16.83 21.35
CA ALA A 248 25.09 -17.13 21.99
C ALA A 248 24.25 -15.91 22.44
N ARG A 249 24.42 -14.79 21.73
CA ARG A 249 23.65 -13.59 22.01
C ARG A 249 22.37 -13.56 21.20
N THR A 250 21.45 -12.70 21.64
CA THR A 250 20.20 -12.43 20.92
C THR A 250 20.02 -10.93 20.90
N ARG A 251 19.28 -10.43 19.91
CA ARG A 251 18.97 -9.01 19.82
C ARG A 251 18.25 -8.52 21.07
N LYS A 252 18.50 -7.28 21.41
CA LYS A 252 17.70 -6.57 22.40
C LYS A 252 16.24 -6.51 21.95
N GLU A 253 15.33 -6.52 22.90
CA GLU A 253 13.90 -6.56 22.63
C GLU A 253 13.46 -5.36 21.81
N ASN A 254 12.62 -5.60 20.79
CA ASN A 254 11.96 -4.52 20.07
C ASN A 254 10.78 -4.00 20.90
N LYS A 255 10.93 -2.82 21.49
CA LYS A 255 9.88 -2.23 22.33
C LYS A 255 8.84 -1.44 21.52
N PHE A 256 9.09 -1.28 20.22
CA PHE A 256 8.24 -0.49 19.34
C PHE A 256 7.19 -1.39 18.67
N SER A 257 6.49 -2.20 19.45
CA SER A 257 5.62 -3.24 18.90
C SER A 257 4.18 -2.77 18.84
N ALA A 258 3.37 -3.50 18.10
CA ALA A 258 1.95 -3.19 17.98
C ALA A 258 1.25 -3.35 19.32
N LYS A 259 1.58 -4.41 20.03
CA LYS A 259 1.03 -4.70 21.35
C LYS A 259 1.24 -3.54 22.35
N ARG A 260 2.38 -2.88 22.28
CA ARG A 260 2.67 -1.77 23.19
C ARG A 260 2.10 -0.41 22.79
N LEU A 261 1.44 -0.29 21.63
CA LEU A 261 0.66 0.91 21.35
C LEU A 261 -0.46 1.01 22.38
N PRO A 262 -0.88 2.23 22.78
CA PRO A 262 -1.94 2.35 23.80
C PRO A 262 -3.28 1.70 23.46
N SER A 263 -3.83 1.01 24.43
CA SER A 263 -5.12 0.35 24.32
C SER A 263 -6.27 1.34 24.37
N THR A 264 -7.39 0.97 23.77
CA THR A 264 -8.62 1.74 23.83
C THR A 264 -9.73 0.73 24.08
N ARG A 265 -10.89 1.20 24.52
CA ARG A 265 -12.07 0.33 24.66
C ARG A 265 -12.43 -0.34 23.35
N LEU A 266 -12.44 0.45 22.27
CA LEU A 266 -12.78 -0.06 20.95
C LEU A 266 -11.79 -1.13 20.46
N GLY A 267 -10.50 -0.82 20.49
CA GLY A 267 -9.47 -1.76 20.10
C GLY A 267 -9.54 -3.07 20.89
N THR A 268 -9.67 -2.93 22.20
CA THR A 268 -9.78 -4.11 23.06
C THR A 268 -10.99 -4.95 22.68
N PHE A 269 -12.12 -4.30 22.46
CA PHE A 269 -13.33 -5.00 22.13
C PHE A 269 -13.16 -5.81 20.84
N LEU A 270 -12.57 -5.18 19.82
CA LEU A 270 -12.40 -5.79 18.52
C LEU A 270 -11.41 -6.95 18.58
N GLU A 271 -10.30 -6.77 19.27
CA GLU A 271 -9.32 -7.80 19.34
C GLU A 271 -9.84 -9.00 20.15
N ASN A 272 -10.59 -8.74 21.22
CA ASN A 272 -11.23 -9.83 21.94
C ASN A 272 -12.20 -10.63 21.08
N ARG A 273 -12.97 -9.93 20.26
CA ARG A 273 -13.89 -10.62 19.38
C ARG A 273 -13.13 -11.54 18.41
N VAL A 274 -12.07 -11.00 17.82
CA VAL A 274 -11.26 -11.74 16.84
C VAL A 274 -10.61 -12.97 17.45
N ASN A 275 -9.93 -12.78 18.58
CA ASN A 275 -9.19 -13.86 19.22
C ASN A 275 -10.09 -14.92 19.82
N ASP A 276 -11.23 -14.51 20.35
CA ASP A 276 -12.24 -15.50 20.76
C ASP A 276 -12.72 -16.35 19.57
N PHE A 277 -12.94 -15.71 18.41
CA PHE A 277 -13.30 -16.42 17.19
C PHE A 277 -12.21 -17.43 16.79
N LEU A 278 -10.96 -16.97 16.75
CA LEU A 278 -9.84 -17.84 16.41
C LEU A 278 -9.68 -19.01 17.37
N ARG A 279 -9.86 -18.75 18.66
CA ARG A 279 -9.82 -19.82 19.65
C ARG A 279 -10.92 -20.85 19.41
N ARG A 280 -12.13 -20.41 19.05
CA ARG A 280 -13.18 -21.37 18.70
C ARG A 280 -12.82 -22.22 17.48
N GLN A 281 -12.21 -21.61 16.47
CA GLN A 281 -11.86 -22.34 15.25
C GLN A 281 -10.78 -23.37 15.51
N ASN A 282 -9.81 -23.01 16.34
CA ASN A 282 -8.75 -23.91 16.72
C ASN A 282 -7.99 -24.48 15.50
N HIS A 283 -7.82 -23.66 14.46
CA HIS A 283 -7.06 -24.07 13.27
C HIS A 283 -5.59 -24.12 13.63
N PRO A 284 -4.84 -25.11 13.11
CA PRO A 284 -3.38 -25.15 13.33
C PRO A 284 -2.65 -23.87 12.92
N GLU A 285 -1.59 -23.53 13.63
CA GLU A 285 -0.76 -22.35 13.32
C GLU A 285 -1.57 -21.04 13.20
N SER A 286 -2.46 -20.84 14.17
CA SER A 286 -3.17 -19.58 14.32
C SER A 286 -2.32 -18.69 15.19
N GLY A 287 -2.39 -17.40 14.93
CA GLY A 287 -1.65 -16.42 15.69
C GLY A 287 -2.61 -15.44 16.33
N GLU A 288 -2.16 -14.83 17.40
CA GLU A 288 -2.89 -13.76 18.07
C GLU A 288 -3.02 -12.50 17.21
N VAL A 289 -4.17 -11.87 17.19
CA VAL A 289 -4.36 -10.60 16.49
C VAL A 289 -4.37 -9.44 17.49
N THR A 290 -3.69 -8.35 17.14
CA THR A 290 -3.70 -7.12 17.89
C THR A 290 -4.45 -6.04 17.11
N VAL A 291 -5.44 -5.41 17.72
CA VAL A 291 -6.16 -4.29 17.09
C VAL A 291 -5.94 -3.01 17.88
N ARG A 292 -5.50 -1.96 17.20
CA ARG A 292 -5.27 -0.67 17.84
C ARG A 292 -5.91 0.48 17.09
N VAL A 293 -6.56 1.35 17.85
CA VAL A 293 -7.08 2.61 17.37
C VAL A 293 -5.93 3.59 17.48
N VAL A 294 -5.55 4.20 16.37
CA VAL A 294 -4.35 5.06 16.34
C VAL A 294 -4.62 6.54 16.08
N HIS A 295 -5.89 6.87 15.87
CA HIS A 295 -6.26 8.25 15.63
C HIS A 295 -7.68 8.44 15.96
N ALA A 296 -7.98 9.54 16.64
CA ALA A 296 -9.35 10.00 16.84
C ALA A 296 -9.33 11.50 16.95
N SER A 297 -10.06 12.19 16.09
CA SER A 297 -10.18 13.65 16.15
C SER A 297 -11.54 14.11 15.66
N ASP A 298 -11.89 15.32 16.06
CA ASP A 298 -13.14 15.96 15.64
C ASP A 298 -12.92 16.80 14.39
N LYS A 299 -13.84 16.69 13.46
CA LYS A 299 -13.77 17.33 12.14
C LYS A 299 -15.16 17.78 11.73
N THR A 300 -15.26 18.47 10.61
CA THR A 300 -16.56 18.89 10.09
C THR A 300 -16.57 18.70 8.59
N VAL A 301 -17.70 18.27 8.05
CA VAL A 301 -17.88 18.24 6.61
C VAL A 301 -18.75 19.44 6.24
N GLU A 302 -18.29 20.22 5.26
CA GLU A 302 -19.03 21.38 4.79
C GLU A 302 -19.86 21.03 3.56
N VAL A 303 -21.09 21.50 3.53
CA VAL A 303 -21.92 21.31 2.34
C VAL A 303 -21.32 22.09 1.15
N LYS A 304 -21.16 21.39 0.04
CA LYS A 304 -20.55 21.92 -1.18
C LYS A 304 -21.39 23.04 -1.84
N PRO A 305 -20.80 23.83 -2.75
CA PRO A 305 -21.47 25.07 -3.21
C PRO A 305 -22.84 24.93 -3.85
N GLY A 306 -23.04 23.87 -4.63
CA GLY A 306 -24.33 23.62 -5.26
C GLY A 306 -25.43 23.36 -4.26
N MET A 307 -25.19 22.41 -3.37
CA MET A 307 -26.18 22.08 -2.35
C MET A 307 -26.36 23.22 -1.35
N LYS A 308 -25.30 23.98 -1.12
CA LYS A 308 -25.35 25.11 -0.21
C LYS A 308 -26.26 26.23 -0.78
N ALA A 309 -26.05 26.57 -2.05
CA ALA A 309 -26.93 27.55 -2.73
C ALA A 309 -28.36 27.05 -2.70
N ARG A 310 -28.56 25.76 -2.92
CA ARG A 310 -29.91 25.22 -3.00
C ARG A 310 -30.67 25.18 -1.68
N PHE A 311 -30.02 24.74 -0.61
CA PHE A 311 -30.72 24.46 0.65
C PHE A 311 -30.17 25.16 1.88
N VAL A 312 -28.87 25.48 1.90
CA VAL A 312 -28.29 26.08 3.10
C VAL A 312 -28.68 27.56 3.19
N ASP A 313 -28.57 28.28 2.06
CA ASP A 313 -28.83 29.71 2.03
C ASP A 313 -30.30 30.09 2.31
N SER A 314 -31.21 29.14 2.12
CA SER A 314 -32.62 29.28 2.49
C SER A 314 -32.94 28.66 3.84
N GLY A 315 -31.91 28.24 4.58
CA GLY A 315 -32.07 27.72 5.93
C GLY A 315 -32.70 26.34 6.06
N GLU A 316 -32.73 25.57 4.98
CA GLU A 316 -33.36 24.26 5.00
C GLU A 316 -32.39 23.13 5.39
N MET A 317 -31.10 23.43 5.42
CA MET A 317 -30.08 22.41 5.68
C MET A 317 -28.90 23.07 6.37
N ALA A 318 -28.31 22.36 7.33
CA ALA A 318 -27.13 22.87 8.02
C ALA A 318 -25.96 23.05 7.03
N GLU A 319 -25.13 24.04 7.30
CA GLU A 319 -24.01 24.36 6.43
C GLU A 319 -22.87 23.33 6.54
N SER A 320 -22.83 22.64 7.66
CA SER A 320 -21.77 21.69 7.91
C SER A 320 -22.15 20.73 9.01
N PHE A 321 -21.51 19.57 9.06
CA PHE A 321 -21.85 18.53 10.05
C PHE A 321 -20.61 18.06 10.78
N PRO A 322 -20.64 18.11 12.12
CA PRO A 322 -19.48 17.65 12.87
C PRO A 322 -19.46 16.12 13.00
N TYR A 323 -18.27 15.56 12.94
CA TYR A 323 -18.07 14.14 13.18
C TYR A 323 -16.72 13.87 13.81
N ARG A 324 -16.61 12.66 14.34
CA ARG A 324 -15.33 12.16 14.81
C ARG A 324 -14.81 11.15 13.81
N THR A 325 -13.57 11.33 13.37
CA THR A 325 -12.91 10.34 12.53
C THR A 325 -12.02 9.46 13.39
N LYS A 326 -11.96 8.15 13.10
CA LYS A 326 -11.03 7.25 13.75
C LYS A 326 -10.35 6.36 12.75
N ALA A 327 -9.09 6.04 13.02
CA ALA A 327 -8.31 5.10 12.23
C ALA A 327 -7.90 3.95 13.12
N LEU A 328 -8.07 2.74 12.59
CA LEU A 328 -7.68 1.55 13.33
C LEU A 328 -7.04 0.51 12.42
N PHE A 329 -6.18 -0.28 13.03
CA PHE A 329 -5.33 -1.25 12.33
C PHE A 329 -5.24 -2.57 13.08
N ALA A 330 -5.12 -3.66 12.34
CA ALA A 330 -4.95 -4.99 12.92
C ALA A 330 -3.58 -5.51 12.52
N PHE A 331 -2.96 -6.23 13.45
CA PHE A 331 -1.61 -6.72 13.30
C PHE A 331 -1.59 -8.18 13.70
N GLU A 332 -0.71 -8.94 13.06
CA GLU A 332 -0.44 -10.32 13.43
C GLU A 332 1.07 -10.53 13.46
N GLU A 333 1.52 -11.37 14.38
CA GLU A 333 2.91 -11.81 14.36
C GLU A 333 3.10 -12.92 13.34
N ILE A 334 3.99 -12.70 12.39
CA ILE A 334 4.33 -13.71 11.38
C ILE A 334 5.85 -13.87 11.38
N ASP A 335 6.31 -15.10 11.54
CA ASP A 335 7.74 -15.44 11.66
C ASP A 335 8.46 -14.58 12.71
N GLY A 336 7.82 -14.40 13.88
CA GLY A 336 8.36 -13.62 14.98
C GLY A 336 8.29 -12.10 14.87
N VAL A 337 7.67 -11.57 13.82
CA VAL A 337 7.72 -10.15 13.51
C VAL A 337 6.30 -9.62 13.26
N ASP A 338 6.06 -8.36 13.62
CA ASP A 338 4.75 -7.74 13.45
C ASP A 338 4.43 -7.56 11.96
N LEU A 339 3.18 -7.79 11.61
CA LEU A 339 2.69 -7.55 10.27
C LEU A 339 1.33 -6.87 10.31
N CYS A 340 1.24 -5.67 9.75
CA CYS A 340 -0.01 -4.94 9.68
C CYS A 340 -0.78 -5.43 8.48
N PHE A 341 -1.98 -5.99 8.68
CA PHE A 341 -2.69 -6.63 7.58
C PHE A 341 -4.06 -6.05 7.23
N PHE A 342 -4.56 -5.13 8.06
CA PHE A 342 -5.87 -4.56 7.88
C PHE A 342 -5.91 -3.17 8.48
N GLY A 343 -6.60 -2.28 7.80
CA GLY A 343 -6.74 -0.89 8.21
C GLY A 343 -8.09 -0.37 7.83
N MET A 344 -8.62 0.54 8.64
CA MET A 344 -9.92 1.13 8.36
C MET A 344 -10.04 2.53 8.99
N HIS A 345 -10.69 3.43 8.28
CA HIS A 345 -11.06 4.74 8.78
C HIS A 345 -12.58 4.89 8.78
N VAL A 346 -13.11 5.48 9.83
CA VAL A 346 -14.55 5.67 9.99
C VAL A 346 -14.90 7.10 10.37
N GLN A 347 -16.14 7.50 10.03
CA GLN A 347 -16.71 8.80 10.36
C GLN A 347 -17.90 8.55 11.25
N GLU A 348 -17.91 9.19 12.41
CA GLU A 348 -18.96 8.98 13.39
C GLU A 348 -19.68 10.30 13.69
N TYR A 349 -20.96 10.37 13.34
CA TYR A 349 -21.78 11.59 13.54
C TYR A 349 -22.66 11.37 14.77
N GLY A 350 -22.34 12.11 15.82
CA GLY A 350 -22.93 11.89 17.13
C GLY A 350 -24.35 12.39 17.31
N SER A 351 -24.82 12.34 18.55
CA SER A 351 -26.19 12.73 18.88
C SER A 351 -26.40 14.25 18.88
N ASP A 352 -25.33 15.05 19.00
CA ASP A 352 -25.43 16.53 18.88
C ASP A 352 -25.42 17.06 17.43
N CYS A 353 -25.19 16.17 16.47
CA CYS A 353 -25.08 16.55 15.09
C CYS A 353 -26.49 16.82 14.52
N PRO A 354 -26.64 17.85 13.66
CA PRO A 354 -27.98 18.06 13.07
C PRO A 354 -28.40 16.93 12.13
N PRO A 355 -29.72 16.69 12.01
CA PRO A 355 -30.20 15.87 10.90
C PRO A 355 -29.73 16.44 9.56
N PRO A 356 -29.56 15.62 8.52
CA PRO A 356 -29.89 14.20 8.49
C PRO A 356 -28.76 13.24 8.96
N ASN A 357 -27.69 13.75 9.56
CA ASN A 357 -26.50 12.93 9.85
C ASN A 357 -26.50 12.31 11.25
N GLN A 358 -27.43 12.75 12.08
CA GLN A 358 -27.48 12.40 13.50
C GLN A 358 -27.38 10.90 13.77
N ARG A 359 -26.43 10.49 14.63
CA ARG A 359 -26.30 9.10 15.10
C ARG A 359 -25.96 8.09 14.01
N ARG A 360 -25.17 8.52 13.02
CA ARG A 360 -24.82 7.67 11.90
C ARG A 360 -23.33 7.44 11.84
N VAL A 361 -22.94 6.24 11.41
CA VAL A 361 -21.54 5.97 11.10
C VAL A 361 -21.40 5.62 9.64
N TYR A 362 -20.24 5.99 9.10
CA TYR A 362 -19.90 5.75 7.71
C TYR A 362 -18.48 5.24 7.60
N ILE A 363 -18.26 4.19 6.80
CA ILE A 363 -16.89 3.69 6.63
C ILE A 363 -16.25 4.48 5.52
N SER A 364 -15.24 5.27 5.86
CA SER A 364 -14.54 6.06 4.86
C SER A 364 -13.81 5.15 3.88
N TYR A 365 -12.99 4.27 4.43
CA TYR A 365 -12.27 3.28 3.60
C TYR A 365 -11.66 2.22 4.48
N LEU A 366 -11.53 1.03 3.90
CA LEU A 366 -10.82 -0.06 4.53
C LEU A 366 -9.92 -0.68 3.48
N ASP A 367 -8.90 -1.38 3.96
CA ASP A 367 -7.87 -1.95 3.10
C ASP A 367 -7.18 -3.07 3.83
N SER A 368 -6.58 -3.96 3.07
CA SER A 368 -5.87 -5.08 3.61
C SER A 368 -4.70 -5.51 2.74
N VAL A 369 -3.81 -6.29 3.37
CA VAL A 369 -2.62 -6.82 2.75
C VAL A 369 -2.67 -8.31 3.13
N HIS A 370 -2.71 -9.14 2.11
CA HIS A 370 -3.26 -10.51 2.19
C HIS A 370 -2.41 -11.58 2.87
N PHE A 371 -1.58 -11.21 3.85
CA PHE A 371 -0.65 -12.17 4.47
C PHE A 371 -1.16 -12.87 5.71
N PHE A 372 -2.39 -12.58 6.13
CA PHE A 372 -2.94 -13.23 7.33
C PHE A 372 -2.83 -14.77 7.28
N ARG A 373 -2.49 -15.36 8.43
CA ARG A 373 -2.41 -16.79 8.61
C ARG A 373 -3.34 -17.21 9.74
N PRO A 374 -4.16 -18.24 9.54
CA PRO A 374 -4.24 -19.07 8.34
C PRO A 374 -5.12 -18.42 7.27
N LYS A 375 -4.70 -18.55 6.02
CA LYS A 375 -5.44 -18.08 4.84
C LYS A 375 -6.95 -18.40 4.91
N CYS A 376 -7.29 -19.62 5.33
CA CYS A 376 -8.68 -20.08 5.29
CA CYS A 376 -8.67 -20.13 5.37
C CYS A 376 -9.59 -19.26 6.20
N LEU A 377 -9.03 -18.51 7.16
CA LEU A 377 -9.81 -17.68 8.05
C LEU A 377 -9.70 -16.17 7.82
N ARG A 378 -8.97 -15.77 6.77
CA ARG A 378 -8.73 -14.38 6.50
C ARG A 378 -10.03 -13.55 6.36
N THR A 379 -10.88 -13.96 5.42
CA THR A 379 -12.15 -13.28 5.20
C THR A 379 -12.97 -13.26 6.49
N ALA A 380 -13.01 -14.39 7.16
CA ALA A 380 -13.79 -14.49 8.38
C ALA A 380 -13.32 -13.45 9.39
N VAL A 381 -11.99 -13.27 9.47
CA VAL A 381 -11.46 -12.32 10.44
C VAL A 381 -11.81 -10.87 10.11
N TYR A 382 -11.73 -10.52 8.83
CA TYR A 382 -12.15 -9.20 8.38
C TYR A 382 -13.61 -8.93 8.76
N HIS A 383 -14.45 -9.94 8.53
CA HIS A 383 -15.84 -9.85 8.89
C HIS A 383 -16.06 -9.66 10.39
N GLU A 384 -15.28 -10.37 11.20
CA GLU A 384 -15.39 -10.22 12.65
C GLU A 384 -15.05 -8.80 13.09
N ILE A 385 -14.05 -8.20 12.45
CA ILE A 385 -13.67 -6.84 12.76
C ILE A 385 -14.82 -5.89 12.44
N LEU A 386 -15.41 -6.03 11.25
CA LEU A 386 -16.53 -5.16 10.87
C LEU A 386 -17.79 -5.38 11.70
N ILE A 387 -18.13 -6.65 11.96
CA ILE A 387 -19.31 -6.94 12.76
C ILE A 387 -19.13 -6.38 14.18
N GLY A 388 -17.93 -6.59 14.75
CA GLY A 388 -17.57 -6.02 16.04
C GLY A 388 -17.72 -4.52 16.10
N TYR A 389 -17.31 -3.84 15.03
CA TYR A 389 -17.35 -2.41 14.99
C TYR A 389 -18.80 -1.92 14.98
N LEU A 390 -19.62 -2.53 14.14
CA LEU A 390 -21.06 -2.26 14.14
C LEU A 390 -21.71 -2.50 15.50
N GLU A 391 -21.36 -3.62 16.12
CA GLU A 391 -21.88 -3.95 17.46
C GLU A 391 -21.49 -2.88 18.50
N TYR A 392 -20.25 -2.41 18.41
CA TYR A 392 -19.74 -1.45 19.36
C TYR A 392 -20.45 -0.11 19.26
N VAL A 393 -20.57 0.44 18.06
CA VAL A 393 -21.21 1.73 17.89
C VAL A 393 -22.70 1.66 18.17
N LYS A 394 -23.31 0.52 17.87
CA LYS A 394 -24.70 0.27 18.25
C LYS A 394 -24.89 0.43 19.76
N LYS A 395 -23.96 -0.15 20.52
CA LYS A 395 -24.02 -0.08 21.99
C LYS A 395 -23.92 1.38 22.46
N LEU A 396 -23.11 2.20 21.80
CA LEU A 396 -23.00 3.62 22.15
C LEU A 396 -24.26 4.44 21.83
N GLY A 397 -25.11 3.93 20.94
CA GLY A 397 -26.35 4.57 20.56
C GLY A 397 -26.36 5.11 19.14
N TYR A 398 -25.41 4.69 18.30
CA TYR A 398 -25.51 5.01 16.88
C TYR A 398 -26.56 4.10 16.27
N THR A 399 -27.47 4.67 15.48
CA THR A 399 -28.64 3.91 15.00
C THR A 399 -28.41 3.24 13.67
N THR A 400 -27.51 3.78 12.86
CA THR A 400 -27.45 3.44 11.43
C THR A 400 -26.02 3.47 10.90
N GLY A 401 -25.64 2.42 10.18
CA GLY A 401 -24.36 2.36 9.47
C GLY A 401 -24.50 2.51 7.97
N HIS A 402 -23.44 3.01 7.34
CA HIS A 402 -23.46 3.34 5.91
C HIS A 402 -22.21 2.86 5.24
N ILE A 403 -22.37 2.08 4.17
CA ILE A 403 -21.25 1.55 3.43
C ILE A 403 -21.46 1.79 1.95
N TRP A 404 -20.48 2.42 1.34
CA TRP A 404 -20.34 2.51 -0.11
C TRP A 404 -19.35 1.43 -0.61
N ALA A 405 -19.87 0.40 -1.27
CA ALA A 405 -19.02 -0.68 -1.85
C ALA A 405 -18.27 -0.23 -3.11
N CYS A 406 -17.12 0.40 -2.93
CA CYS A 406 -16.39 1.01 -4.03
C CYS A 406 -14.93 0.52 -4.10
N PRO A 407 -14.64 -0.39 -5.02
CA PRO A 407 -13.25 -0.84 -5.21
C PRO A 407 -12.32 0.30 -5.55
N PRO A 408 -11.03 0.18 -5.22
CA PRO A 408 -10.12 1.26 -5.59
C PRO A 408 -9.98 1.35 -7.08
N SER A 409 -9.75 2.55 -7.59
CA SER A 409 -9.46 2.73 -9.02
C SER A 409 -8.18 1.98 -9.40
N GLU A 410 -8.07 1.63 -10.68
CA GLU A 410 -6.91 0.90 -11.23
C GLU A 410 -5.55 1.43 -10.74
N GLY A 411 -4.79 0.53 -10.12
CA GLY A 411 -3.47 0.86 -9.59
C GLY A 411 -3.46 1.98 -8.56
N ASP A 412 -4.55 2.14 -7.82
CA ASP A 412 -4.58 3.06 -6.68
C ASP A 412 -4.71 2.23 -5.41
N ASP A 413 -4.24 2.79 -4.30
CA ASP A 413 -4.32 2.15 -2.98
C ASP A 413 -5.12 2.99 -2.01
N TYR A 414 -6.04 2.38 -1.28
CA TYR A 414 -6.76 3.12 -0.26
C TYR A 414 -5.89 3.52 0.93
N ILE A 415 -5.15 2.57 1.49
CA ILE A 415 -4.42 2.82 2.74
C ILE A 415 -2.95 2.36 2.66
N PHE A 416 -2.74 1.15 2.18
CA PHE A 416 -1.39 0.56 2.12
C PHE A 416 -0.75 0.75 0.77
N HIS A 417 0.37 1.46 0.74
CA HIS A 417 1.06 1.73 -0.51
C HIS A 417 1.69 0.47 -1.12
N CYS A 418 1.39 0.24 -2.39
CA CYS A 418 2.00 -0.82 -3.20
C CYS A 418 1.69 -2.23 -2.69
N HIS A 419 0.49 -2.70 -3.03
CA HIS A 419 0.03 -4.06 -2.72
C HIS A 419 0.84 -5.15 -3.44
N PRO A 420 0.79 -6.39 -2.94
CA PRO A 420 1.41 -7.49 -3.69
C PRO A 420 0.76 -7.59 -5.08
N PRO A 421 1.58 -7.75 -6.14
CA PRO A 421 0.98 -7.80 -7.48
C PRO A 421 0.04 -8.98 -7.70
N ASP A 422 0.16 -10.04 -6.89
CA ASP A 422 -0.73 -11.19 -6.96
C ASP A 422 -1.91 -11.14 -5.98
N GLN A 423 -2.12 -10.00 -5.31
CA GLN A 423 -3.34 -9.81 -4.53
C GLN A 423 -4.38 -9.23 -5.47
N LYS A 424 -5.40 -10.02 -5.79
CA LYS A 424 -6.40 -9.56 -6.72
C LYS A 424 -7.32 -8.55 -6.06
N ILE A 425 -7.77 -7.59 -6.85
CA ILE A 425 -8.72 -6.57 -6.41
C ILE A 425 -10.11 -7.01 -6.85
N PRO A 426 -11.05 -7.14 -5.90
CA PRO A 426 -12.42 -7.51 -6.27
C PRO A 426 -13.09 -6.49 -7.17
N LYS A 427 -13.86 -6.96 -8.13
CA LYS A 427 -14.76 -6.11 -8.89
C LYS A 427 -16.03 -5.87 -8.02
N PRO A 428 -16.88 -4.91 -8.44
CA PRO A 428 -18.01 -4.50 -7.61
C PRO A 428 -18.95 -5.61 -7.18
N LYS A 429 -19.31 -6.53 -8.08
CA LYS A 429 -20.22 -7.61 -7.69
C LYS A 429 -19.64 -8.48 -6.58
N ARG A 430 -18.40 -8.91 -6.71
CA ARG A 430 -17.74 -9.68 -5.65
C ARG A 430 -17.69 -8.89 -4.31
N LEU A 431 -17.32 -7.62 -4.37
CA LEU A 431 -17.24 -6.77 -3.18
C LEU A 431 -18.64 -6.60 -2.53
N GLN A 432 -19.66 -6.39 -3.34
CA GLN A 432 -21.04 -6.30 -2.84
C GLN A 432 -21.44 -7.55 -2.08
N GLU A 433 -21.17 -8.71 -2.67
CA GLU A 433 -21.49 -9.99 -2.06
C GLU A 433 -20.73 -10.25 -0.76
N TRP A 434 -19.50 -9.76 -0.71
CA TRP A 434 -18.67 -9.84 0.47
C TRP A 434 -19.32 -9.03 1.62
N PHE A 435 -19.77 -7.82 1.32
CA PHE A 435 -20.46 -7.01 2.34
C PHE A 435 -21.78 -7.67 2.78
N LYS A 436 -22.53 -8.21 1.83
CA LYS A 436 -23.76 -8.95 2.13
C LYS A 436 -23.55 -10.16 3.02
N LYS A 437 -22.48 -10.91 2.75
CA LYS A 437 -22.15 -12.05 3.60
C LYS A 437 -21.81 -11.59 5.04
N MET A 438 -21.05 -10.52 5.16
CA MET A 438 -20.75 -9.93 6.47
C MET A 438 -22.03 -9.51 7.21
N LEU A 439 -22.86 -8.75 6.53
CA LEU A 439 -24.09 -8.25 7.12
C LEU A 439 -25.11 -9.35 7.46
N ASP A 440 -25.17 -10.39 6.62
CA ASP A 440 -26.03 -11.53 6.92
C ASP A 440 -25.58 -12.20 8.21
N LYS A 441 -24.28 -12.32 8.43
CA LYS A 441 -23.78 -12.86 9.71
C LYS A 441 -24.18 -11.94 10.86
N ALA A 442 -24.01 -10.63 10.64
CA ALA A 442 -24.42 -9.62 11.63
C ALA A 442 -25.93 -9.71 11.98
N VAL A 443 -26.77 -9.90 10.96
CA VAL A 443 -28.19 -10.10 11.19
C VAL A 443 -28.46 -11.38 12.00
N SER A 444 -27.82 -12.49 11.63
CA SER A 444 -28.05 -13.76 12.33
C SER A 444 -27.57 -13.72 13.78
N GLU A 445 -26.58 -12.88 14.07
CA GLU A 445 -26.16 -12.62 15.45
C GLU A 445 -27.00 -11.57 16.21
N ARG A 446 -28.04 -11.02 15.57
CA ARG A 446 -28.90 -10.02 16.17
C ARG A 446 -28.19 -8.72 16.51
N ILE A 447 -27.11 -8.43 15.80
CA ILE A 447 -26.44 -7.13 15.91
C ILE A 447 -27.14 -6.14 14.96
N VAL A 448 -27.17 -6.51 13.68
CA VAL A 448 -27.84 -5.67 12.68
C VAL A 448 -29.30 -6.10 12.65
N HIS A 449 -30.20 -5.14 12.74
CA HIS A 449 -31.63 -5.44 12.67
C HIS A 449 -32.01 -5.84 11.25
N ASP A 450 -31.67 -5.00 10.30
CA ASP A 450 -31.77 -5.35 8.88
C ASP A 450 -30.95 -4.35 8.11
N TYR A 451 -30.89 -4.52 6.79
CA TYR A 451 -30.19 -3.58 5.91
C TYR A 451 -30.85 -3.58 4.56
N LYS A 452 -30.67 -2.48 3.84
CA LYS A 452 -31.35 -2.26 2.56
C LYS A 452 -30.41 -1.48 1.66
N ASP A 453 -30.61 -1.58 0.36
CA ASP A 453 -29.97 -0.64 -0.55
C ASP A 453 -30.55 0.79 -0.38
N ILE A 454 -29.81 1.81 -0.83
CA ILE A 454 -30.22 3.19 -0.62
C ILE A 454 -31.64 3.50 -1.18
N PHE A 455 -31.97 2.89 -2.31
CA PHE A 455 -33.24 3.13 -3.04
C PHE A 455 -34.41 2.58 -2.24
N LYS A 456 -34.26 1.35 -1.77
CA LYS A 456 -35.27 0.73 -0.92
C LYS A 456 -35.40 1.46 0.41
N GLN A 457 -34.27 1.86 1.01
CA GLN A 457 -34.32 2.62 2.24
C GLN A 457 -35.05 3.94 2.09
N ALA A 458 -34.75 4.67 1.02
CA ALA A 458 -35.41 5.97 0.78
C ALA A 458 -36.92 5.77 0.61
N THR A 459 -37.28 4.74 -0.15
CA THR A 459 -38.67 4.36 -0.31
C THR A 459 -39.30 4.12 1.07
N GLU A 460 -38.66 3.31 1.91
CA GLU A 460 -39.20 3.03 3.25
C GLU A 460 -39.31 4.30 4.11
N ASP A 461 -38.35 5.20 3.99
CA ASP A 461 -38.37 6.45 4.77
C ASP A 461 -39.28 7.53 4.18
N ARG A 462 -39.97 7.22 3.08
CA ARG A 462 -40.79 8.16 2.37
C ARG A 462 -40.00 9.45 2.11
N LEU A 463 -38.77 9.27 1.66
CA LEU A 463 -37.92 10.40 1.31
C LEU A 463 -38.47 11.12 0.10
N THR A 464 -38.45 12.45 0.16
CA THR A 464 -38.87 13.28 -0.97
C THR A 464 -37.80 14.24 -1.49
N SER A 465 -36.78 14.54 -0.70
CA SER A 465 -35.82 15.60 -1.06
C SER A 465 -34.38 15.18 -0.81
N ALA A 466 -33.48 15.69 -1.64
CA ALA A 466 -32.06 15.46 -1.51
C ALA A 466 -31.47 15.95 -0.21
N LYS A 467 -32.08 16.95 0.41
CA LYS A 467 -31.61 17.46 1.71
C LYS A 467 -31.80 16.43 2.85
N GLU A 468 -32.61 15.40 2.61
CA GLU A 468 -32.82 14.32 3.59
C GLU A 468 -31.78 13.18 3.50
N LEU A 469 -30.90 13.20 2.50
CA LEU A 469 -29.89 12.17 2.37
C LEU A 469 -28.70 12.50 3.26
N PRO A 470 -28.24 11.54 4.07
CA PRO A 470 -27.01 11.71 4.84
C PRO A 470 -25.88 12.22 3.95
N TYR A 471 -25.09 13.14 4.48
CA TYR A 471 -24.10 13.90 3.72
C TYR A 471 -22.70 13.68 4.34
N PHE A 472 -21.93 12.77 3.75
CA PHE A 472 -20.67 12.33 4.35
C PHE A 472 -19.46 12.89 3.61
N GLU A 473 -18.36 13.07 4.32
CA GLU A 473 -17.13 13.58 3.72
C GLU A 473 -16.61 12.56 2.70
N GLY A 474 -16.33 13.05 1.50
CA GLY A 474 -15.74 12.21 0.44
C GLY A 474 -16.68 11.22 -0.23
N ASP A 475 -17.97 11.22 0.12
CA ASP A 475 -18.89 10.23 -0.38
C ASP A 475 -19.38 10.56 -1.80
N PHE A 476 -19.89 9.54 -2.48
CA PHE A 476 -20.50 9.67 -3.79
C PHE A 476 -21.60 10.74 -3.89
N TRP A 477 -22.50 10.70 -2.92
CA TRP A 477 -23.75 11.46 -3.01
C TRP A 477 -23.57 12.97 -3.02
N PRO A 478 -22.69 13.51 -2.16
CA PRO A 478 -22.41 14.94 -2.31
C PRO A 478 -21.94 15.38 -3.71
N ASN A 479 -21.12 14.56 -4.36
CA ASN A 479 -20.65 14.90 -5.70
C ASN A 479 -21.73 14.78 -6.79
N VAL A 480 -22.52 13.72 -6.73
CA VAL A 480 -23.54 13.50 -7.75
C VAL A 480 -24.67 14.56 -7.61
N LEU A 481 -24.93 15.00 -6.39
CA LEU A 481 -25.91 16.08 -6.17
C LEU A 481 -25.47 17.43 -6.77
N GLU A 482 -24.19 17.78 -6.64
CA GLU A 482 -23.66 18.94 -7.34
C GLU A 482 -23.95 18.83 -8.85
N GLU A 483 -23.53 17.72 -9.45
CA GLU A 483 -23.71 17.45 -10.88
C GLU A 483 -25.17 17.51 -11.30
N SER A 484 -26.05 16.93 -10.48
CA SER A 484 -27.49 16.91 -10.74
C SER A 484 -28.12 18.30 -10.75
N ILE A 485 -27.77 19.12 -9.76
CA ILE A 485 -28.31 20.46 -9.66
C ILE A 485 -27.89 21.27 -10.89
N LYS A 486 -26.62 21.20 -11.26
CA LYS A 486 -26.09 21.93 -12.40
C LYS A 486 -26.70 21.45 -13.72
N GLU A 487 -26.68 20.13 -13.98
CA GLU A 487 -27.31 19.52 -15.17
C GLU A 487 -28.78 19.94 -15.37
N SER A 488 -29.57 19.90 -14.30
CA SER A 488 -31.00 20.20 -14.34
C SER A 488 -31.31 21.71 -14.27
N GLY A 489 -30.27 22.52 -14.12
CA GLY A 489 -30.41 23.95 -13.98
C GLY A 489 -31.15 24.39 -12.74
N GLY A 490 -31.03 23.64 -11.64
CA GLY A 490 -31.54 24.11 -10.35
C GLY A 490 -32.31 23.14 -9.48
N SER A 491 -32.65 21.97 -10.02
CA SER A 491 -33.33 20.96 -9.22
C SER A 491 -32.31 20.08 -8.47
N GLY A 492 -32.50 19.91 -7.16
CA GLY A 492 -31.75 18.92 -6.37
C GLY A 492 -32.32 17.50 -6.43
N SER A 493 -33.64 17.40 -6.71
CA SER A 493 -34.40 16.20 -6.36
C SER A 493 -35.07 15.50 -7.56
N GLN A 494 -35.10 16.16 -8.72
CA GLN A 494 -35.84 15.68 -9.93
C GLN A 494 -35.63 14.19 -10.24
N LYS A 495 -34.38 13.79 -10.41
CA LYS A 495 -34.07 12.44 -10.87
C LYS A 495 -33.51 11.56 -9.75
N LEU A 496 -33.80 11.95 -8.50
CA LEU A 496 -33.11 11.42 -7.33
C LEU A 496 -33.41 9.95 -7.15
N TYR A 497 -34.69 9.58 -7.13
CA TYR A 497 -35.08 8.17 -7.12
C TYR A 497 -34.47 7.36 -8.26
N ALA A 498 -34.42 7.96 -9.45
CA ALA A 498 -33.83 7.28 -10.60
C ALA A 498 -32.31 7.11 -10.41
N THR A 499 -31.65 8.11 -9.84
CA THR A 499 -30.21 7.99 -9.58
C THR A 499 -29.94 6.95 -8.49
N MET A 500 -30.75 6.97 -7.43
CA MET A 500 -30.61 5.95 -6.38
C MET A 500 -30.87 4.56 -6.93
N GLU A 501 -31.88 4.39 -7.78
CA GLU A 501 -32.22 3.06 -8.29
C GLU A 501 -31.05 2.52 -9.11
N LYS A 502 -30.54 3.38 -9.97
CA LYS A 502 -29.46 3.07 -10.90
C LYS A 502 -28.15 2.59 -10.21
N HIS A 503 -27.84 3.19 -9.06
CA HIS A 503 -26.63 2.86 -8.30
C HIS A 503 -26.90 2.06 -7.02
N LYS A 504 -28.07 1.47 -6.90
CA LYS A 504 -28.53 1.02 -5.59
C LYS A 504 -27.70 -0.08 -4.95
N GLU A 505 -27.22 -1.01 -5.78
CA GLU A 505 -26.51 -2.22 -5.29
C GLU A 505 -25.20 -1.89 -4.53
N VAL A 506 -24.70 -0.68 -4.74
CA VAL A 506 -23.41 -0.23 -4.27
C VAL A 506 -23.53 0.48 -2.90
N PHE A 507 -24.76 0.85 -2.48
CA PHE A 507 -24.97 1.65 -1.29
C PHE A 507 -25.83 0.96 -0.26
N PHE A 508 -25.20 0.61 0.87
CA PHE A 508 -25.84 -0.12 1.95
C PHE A 508 -26.19 0.79 3.10
N VAL A 509 -27.42 0.66 3.60
CA VAL A 509 -27.87 1.36 4.79
C VAL A 509 -28.25 0.32 5.82
N ILE A 510 -27.62 0.39 6.98
CA ILE A 510 -27.60 -0.71 7.94
C ILE A 510 -28.26 -0.25 9.22
N ARG A 511 -29.40 -0.83 9.55
CA ARG A 511 -30.15 -0.43 10.72
C ARG A 511 -29.66 -1.22 11.94
N LEU A 512 -29.04 -0.49 12.86
CA LEU A 512 -28.54 -1.05 14.09
C LEU A 512 -29.58 -0.95 15.18
N ILE A 513 -30.28 0.19 15.26
CA ILE A 513 -31.33 0.38 16.26
C ILE A 513 -32.60 0.76 15.51
N ALA A 514 -33.63 -0.04 15.72
CA ALA A 514 -34.85 -0.02 14.93
C ALA A 514 -36.01 0.62 15.66
N GLY A 515 -36.78 1.41 14.93
CA GLY A 515 -38.14 1.73 15.33
C GLY A 515 -38.26 2.72 16.46
N PRO A 516 -39.15 2.43 17.44
CA PRO A 516 -39.49 3.46 18.45
C PRO A 516 -38.33 3.75 19.41
N ALA A 517 -37.48 2.73 19.64
CA ALA A 517 -36.29 2.87 20.47
C ALA A 517 -35.29 3.87 19.90
N ALA A 518 -35.26 4.03 18.58
CA ALA A 518 -34.37 4.99 17.93
C ALA A 518 -34.74 6.47 18.17
N ASN A 519 -35.92 6.74 18.74
CA ASN A 519 -36.44 8.10 18.90
C ASN A 519 -36.25 8.74 20.28
N SER A 520 -35.94 7.91 21.29
CA SER A 520 -35.84 8.41 22.67
C SER A 520 -34.52 8.03 23.37
N LEU A 521 -33.44 8.01 22.61
CA LEU A 521 -32.15 7.53 23.13
C LEU A 521 -31.43 8.59 23.95
N PRO A 522 -30.63 8.19 24.95
CA PRO A 522 -29.82 9.18 25.68
C PRO A 522 -28.68 9.68 24.81
N PRO A 523 -28.00 10.75 25.24
CA PRO A 523 -26.85 11.23 24.48
C PRO A 523 -25.80 10.14 24.27
N ILE A 524 -25.06 10.22 23.16
CA ILE A 524 -23.91 9.37 22.91
C ILE A 524 -22.74 9.97 23.68
N VAL A 525 -22.14 9.16 24.57
CA VAL A 525 -20.92 9.51 25.27
C VAL A 525 -19.87 8.44 24.95
N ASP A 526 -18.82 8.85 24.28
CA ASP A 526 -17.72 7.97 23.91
C ASP A 526 -16.75 7.96 25.09
N PRO A 527 -16.50 6.79 25.68
CA PRO A 527 -15.54 6.73 26.80
C PRO A 527 -14.07 6.87 26.38
N ASP A 528 -13.76 6.68 25.11
CA ASP A 528 -12.36 6.78 24.67
C ASP A 528 -11.99 8.23 24.44
N PRO A 529 -10.77 8.62 24.81
CA PRO A 529 -10.31 10.00 24.60
C PRO A 529 -9.96 10.22 23.16
N LEU A 530 -9.79 11.48 22.80
CA LEU A 530 -9.27 11.85 21.49
C LEU A 530 -7.84 11.38 21.38
N ILE A 531 -7.40 11.07 20.17
CA ILE A 531 -6.04 10.60 19.94
C ILE A 531 -5.45 11.36 18.78
N PRO A 532 -4.72 12.45 19.07
CA PRO A 532 -4.04 13.23 18.01
C PRO A 532 -2.94 12.40 17.35
N CYS A 533 -2.96 12.32 16.04
CA CYS A 533 -1.93 11.62 15.26
C CYS A 533 -2.07 12.05 13.83
N ASP A 534 -1.29 13.04 13.45
CA ASP A 534 -1.42 13.68 12.14
C ASP A 534 -1.16 12.73 11.00
N LEU A 535 -0.27 11.76 11.25
CA LEU A 535 0.05 10.76 10.28
C LEU A 535 -1.17 9.96 9.80
N MET A 536 -2.16 9.80 10.68
CA MET A 536 -3.32 8.96 10.42
C MET A 536 -4.63 9.74 10.40
N ASP A 537 -4.54 11.05 10.15
CA ASP A 537 -5.71 11.88 9.95
C ASP A 537 -6.14 11.73 8.49
N GLY A 538 -6.98 10.75 8.22
CA GLY A 538 -7.28 10.36 6.83
C GLY A 538 -6.13 9.61 6.17
N ARG A 539 -6.39 9.07 5.00
CA ARG A 539 -5.46 8.19 4.28
C ARG A 539 -4.22 8.86 3.69
N ASP A 540 -4.27 10.14 3.37
CA ASP A 540 -3.22 10.77 2.56
C ASP A 540 -1.83 10.77 3.19
N ALA A 541 -1.74 11.09 4.47
CA ALA A 541 -0.45 11.28 5.11
C ALA A 541 0.36 9.98 5.16
N PHE A 542 -0.29 8.85 5.43
CA PHE A 542 0.43 7.58 5.52
C PHE A 542 0.82 7.08 4.11
N LEU A 543 -0.04 7.33 3.12
CA LEU A 543 0.32 7.01 1.74
C LEU A 543 1.55 7.83 1.30
N THR A 544 1.54 9.11 1.63
CA THR A 544 2.65 10.01 1.31
C THR A 544 3.96 9.59 1.98
N LEU A 545 3.91 9.31 3.27
CA LEU A 545 5.06 8.80 4.00
C LEU A 545 5.62 7.55 3.34
N ALA A 546 4.74 6.59 3.05
CA ALA A 546 5.13 5.30 2.49
C ALA A 546 5.82 5.46 1.14
N ARG A 547 5.22 6.28 0.28
CA ARG A 547 5.82 6.64 -1.00
C ARG A 547 7.17 7.32 -0.88
N ASP A 548 7.26 8.30 0.02
CA ASP A 548 8.52 9.03 0.22
C ASP A 548 9.64 8.19 0.85
N LYS A 549 9.29 7.11 1.56
CA LYS A 549 10.30 6.32 2.25
C LYS A 549 10.42 4.89 1.74
N HIS A 550 9.86 4.60 0.58
CA HIS A 550 9.88 3.26 -0.01
C HIS A 550 9.34 2.19 0.96
N LEU A 551 8.20 2.51 1.58
CA LEU A 551 7.50 1.56 2.43
C LEU A 551 6.37 0.89 1.66
N GLU A 552 6.72 -0.20 0.99
CA GLU A 552 5.77 -0.99 0.22
C GLU A 552 5.17 -2.13 1.03
N PHE A 553 3.99 -2.58 0.62
CA PHE A 553 3.36 -3.73 1.24
C PHE A 553 3.22 -4.85 0.20
N SER A 554 4.23 -4.95 -0.66
CA SER A 554 4.15 -5.72 -1.90
C SER A 554 4.69 -7.14 -1.79
N SER A 555 5.28 -7.46 -0.65
CA SER A 555 5.73 -8.82 -0.35
C SER A 555 5.78 -8.94 1.16
N LEU A 556 5.90 -10.18 1.64
CA LEU A 556 5.93 -10.39 3.07
C LEU A 556 7.08 -9.59 3.68
N ARG A 557 8.28 -9.72 3.13
CA ARG A 557 9.45 -9.04 3.68
C ARG A 557 9.33 -7.50 3.68
N ARG A 558 8.83 -6.95 2.59
CA ARG A 558 8.67 -5.50 2.53
C ARG A 558 7.56 -5.02 3.44
N ALA A 559 6.49 -5.80 3.55
CA ALA A 559 5.42 -5.45 4.46
C ALA A 559 5.87 -5.50 5.92
N GLN A 560 6.71 -6.47 6.24
CA GLN A 560 7.26 -6.55 7.59
C GLN A 560 8.13 -5.33 7.90
N TRP A 561 8.98 -4.93 6.95
CA TRP A 561 9.77 -3.71 7.10
C TRP A 561 8.85 -2.51 7.24
N SER A 562 7.87 -2.41 6.36
CA SER A 562 7.01 -1.24 6.38
C SER A 562 6.22 -1.14 7.66
N THR A 563 5.81 -2.30 8.18
CA THR A 563 5.11 -2.34 9.46
C THR A 563 6.03 -1.85 10.58
N MET A 564 7.26 -2.36 10.59
CA MET A 564 8.25 -1.95 11.57
C MET A 564 8.48 -0.43 11.55
N CYS A 565 8.59 0.16 10.37
CA CYS A 565 8.79 1.60 10.25
C CYS A 565 7.56 2.40 10.67
N MET A 566 6.39 1.96 10.23
CA MET A 566 5.11 2.54 10.65
C MET A 566 4.99 2.57 12.18
N LEU A 567 5.33 1.45 12.83
CA LEU A 567 5.22 1.36 14.27
C LEU A 567 6.17 2.28 15.02
N VAL A 568 7.39 2.40 14.50
CA VAL A 568 8.34 3.39 15.05
C VAL A 568 7.75 4.80 14.96
N GLU A 569 7.20 5.14 13.80
CA GLU A 569 6.62 6.44 13.57
C GLU A 569 5.44 6.70 14.53
N LEU A 570 4.57 5.71 14.67
CA LEU A 570 3.45 5.83 15.60
C LEU A 570 3.89 5.96 17.07
N HIS A 571 4.93 5.23 17.46
CA HIS A 571 5.43 5.32 18.83
C HIS A 571 6.16 6.63 19.16
N THR A 572 6.88 7.17 18.19
CA THR A 572 7.73 8.33 18.41
C THR A 572 7.08 9.66 18.13
N GLN A 573 6.05 9.71 17.30
CA GLN A 573 5.44 10.99 17.00
C GLN A 573 4.49 11.38 18.15
N SER A 574 3.92 10.36 18.78
CA SER A 574 3.20 10.53 20.05
C SER A 574 4.06 10.12 21.24
ZN ZN B . -1.54 12.46 -20.55
ZN ZN C . 28.25 -10.53 11.19
ZN ZN D . 19.15 -10.14 1.24
ZN ZN E . -7.41 -24.49 6.64
C13 COO F . -10.17 -6.56 -0.26
C11 COO F . -10.83 -6.88 1.10
C14 COO F . -10.37 -5.93 2.21
C12 COO F . -10.63 -8.30 1.64
O6A COO F . -11.07 -9.35 0.78
P2A COO F . -10.87 -10.85 1.10
O4A COO F . -9.50 -11.41 1.10
O5A COO F . -11.66 -11.26 2.33
O3A COO F . -11.70 -11.37 -0.15
P1A COO F . -11.48 -11.05 -1.68
O2A COO F . -12.78 -10.91 -2.40
O1A COO F . -10.49 -9.90 -1.91
O5X COO F . -10.77 -12.37 -2.04
C5X COO F . -11.41 -13.66 -1.85
C4X COO F . -11.05 -14.53 -3.02
O4X COO F . -11.54 -13.94 -4.25
C3X COO F . -9.55 -14.71 -3.23
O3X COO F . -9.31 -16.06 -3.66
P3X COO F . -8.95 -17.27 -2.64
O9A COO F . -10.20 -18.14 -2.58
O7A COO F . -8.52 -16.75 -1.25
O8A COO F . -7.73 -17.88 -3.36
C2X COO F . -9.20 -13.72 -4.32
O2X COO F . -8.13 -14.13 -5.15
C1X COO F . -10.47 -13.80 -5.16
N9A COO F . -10.67 -12.60 -5.95
C8A COO F . -10.63 -11.30 -5.52
N7A COO F . -10.68 -10.41 -6.48
C5A COO F . -10.77 -11.18 -7.63
C4A COO F . -10.77 -12.53 -7.32
N3A COO F . -10.84 -13.55 -8.18
C2A COO F . -10.90 -13.11 -9.44
N1A COO F . -10.89 -11.85 -9.88
C6A COO F . -10.83 -10.84 -8.99
N6A COO F . -10.84 -9.58 -9.44
O1 COO F . -9.65 -7.70 -0.91
C1 COO F . -9.13 -5.46 -0.36
O2 COO F . -8.28 -5.29 0.53
N1 COO F . -9.17 -4.74 -1.47
C2 COO F . -8.48 -3.47 -1.63
C3 COO F . -9.24 -2.37 -0.97
C4 COO F . -10.70 -2.45 -1.28
O3 COO F . -11.14 -3.08 -2.24
N2 COO F . -11.48 -1.76 -0.47
C5 COO F . -12.87 -1.49 -0.78
C6 COO F . -13.70 -1.64 0.48
S1 COO F . -15.15 -0.60 0.24
C7 COO F . -14.34 0.93 0.55
O4 COO F . -13.16 1.05 0.86
C8 COO F . -15.29 2.00 0.36
C9 COO F . -14.99 3.25 0.47
C10 COO F . -15.97 4.35 0.29
C15 COO F . -12.32 -6.64 0.93
C1 GOL G . 24.64 3.40 -17.45
O1 GOL G . 23.49 3.96 -18.08
C2 GOL G . 25.57 2.80 -18.48
O2 GOL G . 26.21 3.86 -19.22
C3 GOL G . 26.61 1.94 -17.77
O3 GOL G . 27.57 1.40 -18.68
C1 GOL H . -11.45 10.12 7.22
O1 GOL H . -12.41 9.25 7.84
C2 GOL H . -12.11 11.34 6.57
O2 GOL H . -12.89 12.08 7.51
C3 GOL H . -11.06 12.30 6.02
O3 GOL H . -10.35 12.96 7.09
C1 GOL I . -25.45 4.25 1.80
O1 GOL I . -25.42 4.24 3.22
C2 GOL I . -25.12 5.66 1.36
O2 GOL I . -25.91 6.59 2.11
C3 GOL I . -23.61 5.90 1.56
O3 GOL I . -23.26 7.13 0.94
#